data_4U8G
#
_entry.id   4U8G
#
_cell.length_a   83.943
_cell.length_b   83.943
_cell.length_c   181.101
_cell.angle_alpha   90.00
_cell.angle_beta   90.00
_cell.angle_gamma   120.00
#
_symmetry.space_group_name_H-M   'P 62 2 2'
#
loop_
_entity.id
_entity.type
_entity.pdbx_description
1 polymer 'Putative uncharacterized protein gbs1891'
2 water water
#
_entity_poly.entity_id   1
_entity_poly.type   'polypeptide(L)'
_entity_poly.pdbx_seq_one_letter_code
;MTEQFLKDNFSLEGKVALITGASYGIGFSIATAFARAGATIVFNDIKQELVDKGISAYKKLGIKAHGYVCDVTDEDGINE
MVDKISQDVGVIDILVNNAGIIKRTPMLEMSAADFRQVIDIDLNAPFIVSKAVLPGMIQKGHGKIINICAMMSELGRETV
AAYAAAKGGLKMLTKNIASEYGSANIQCNGIGPGYIATPQTAPLRERQDDGSRHPFDQFIIAKTPAARWGEAEDLGAPAI
FLASDASNFINGHILYVDGGILAYIGKQPQLEHHHHHH
;
_entity_poly.pdbx_strand_id   A
#
# COMPACT_ATOMS: atom_id res chain seq x y z
N THR A 2 9.40 28.85 9.14
CA THR A 2 9.44 27.35 9.26
C THR A 2 8.55 26.59 8.22
N GLU A 3 7.94 27.30 7.28
CA GLU A 3 7.12 26.69 6.24
C GLU A 3 8.06 26.02 5.25
N GLN A 4 9.15 26.71 4.92
CA GLN A 4 10.13 26.20 3.97
C GLN A 4 10.84 24.96 4.44
N PHE A 5 11.17 24.91 5.74
CA PHE A 5 11.77 23.73 6.33
C PHE A 5 10.83 22.52 6.21
N LEU A 6 9.62 22.67 6.75
CA LEU A 6 8.61 21.62 6.68
C LEU A 6 8.32 21.18 5.26
N LYS A 7 8.43 22.10 4.30
CA LYS A 7 8.23 21.74 2.90
C LYS A 7 9.44 20.97 2.37
N ASP A 8 10.65 21.37 2.76
CA ASP A 8 11.88 20.76 2.22
C ASP A 8 11.98 19.27 2.48
N ASN A 9 11.51 18.88 3.67
CA ASN A 9 11.66 17.53 4.17
C ASN A 9 10.46 16.63 3.90
N PHE A 10 9.26 17.21 3.96
CA PHE A 10 8.04 16.41 3.89
C PHE A 10 7.19 16.62 2.65
N SER A 11 7.53 17.57 1.78
CA SER A 11 6.62 17.90 0.69
C SER A 11 6.77 16.88 -0.40
N LEU A 12 5.68 16.64 -1.11
CA LEU A 12 5.70 15.75 -2.27
C LEU A 12 5.48 16.51 -3.59
N GLU A 13 5.77 17.82 -3.58
CA GLU A 13 5.60 18.67 -4.77
C GLU A 13 6.46 18.26 -5.96
N GLY A 14 5.83 18.25 -7.14
CA GLY A 14 6.54 17.96 -8.36
C GLY A 14 7.03 16.53 -8.38
N LYS A 15 6.24 15.65 -7.78
CA LYS A 15 6.55 14.23 -7.76
C LYS A 15 5.32 13.43 -8.16
N VAL A 16 5.51 12.50 -9.08
CA VAL A 16 4.45 11.60 -9.52
C VAL A 16 4.41 10.36 -8.61
N ALA A 17 3.23 10.08 -8.06
CA ALA A 17 3.03 8.94 -7.15
C ALA A 17 2.01 7.94 -7.70
N LEU A 18 2.45 6.71 -7.99
CA LEU A 18 1.56 5.62 -8.39
C LEU A 18 1.19 4.73 -7.20
N ILE A 19 -0.10 4.66 -6.88
CA ILE A 19 -0.61 3.88 -5.75
C ILE A 19 -1.59 2.82 -6.23
N THR A 20 -1.08 1.60 -6.42
CA THR A 20 -1.87 0.54 -7.04
C THR A 20 -3.17 0.27 -6.29
N GLY A 21 -4.25 0.13 -7.03
CA GLY A 21 -5.54 -0.20 -6.46
C GLY A 21 -6.29 0.93 -5.80
N ALA A 22 -5.70 2.11 -5.70
CA ALA A 22 -6.25 3.18 -4.85
C ALA A 22 -7.47 3.90 -5.44
N SER A 23 -8.50 3.14 -5.77
CA SER A 23 -9.80 3.67 -6.21
C SER A 23 -10.83 3.68 -5.07
N TYR A 24 -10.45 3.19 -3.89
CA TYR A 24 -11.29 3.25 -2.67
C TYR A 24 -10.46 2.76 -1.49
N GLY A 25 -11.02 2.89 -0.30
CA GLY A 25 -10.40 2.33 0.87
C GLY A 25 -9.03 2.89 1.20
N ILE A 26 -8.11 1.98 1.52
CA ILE A 26 -6.88 2.33 2.21
C ILE A 26 -5.94 3.05 1.27
N GLY A 27 -5.70 2.43 0.12
CA GLY A 27 -4.83 3.04 -0.89
C GLY A 27 -5.34 4.43 -1.23
N PHE A 28 -6.66 4.53 -1.34
CA PHE A 28 -7.34 5.78 -1.58
C PHE A 28 -7.01 6.88 -0.56
N SER A 29 -7.16 6.58 0.72
CA SER A 29 -6.92 7.63 1.74
C SER A 29 -5.42 7.96 1.87
N ILE A 30 -4.57 7.01 1.46
CA ILE A 30 -3.14 7.23 1.39
C ILE A 30 -2.79 8.16 0.22
N ALA A 31 -3.43 7.95 -0.91
CA ALA A 31 -3.27 8.83 -2.07
C ALA A 31 -3.85 10.21 -1.74
N THR A 32 -5.02 10.24 -1.12
CA THR A 32 -5.62 11.48 -0.63
C THR A 32 -4.62 12.31 0.16
N ALA A 33 -3.93 11.69 1.11
CA ALA A 33 -2.94 12.38 1.92
C ALA A 33 -1.75 12.85 1.07
N PHE A 34 -1.32 12.02 0.12
CA PHE A 34 -0.23 12.36 -0.79
C PHE A 34 -0.57 13.63 -1.57
N ALA A 35 -1.74 13.63 -2.21
CA ALA A 35 -2.21 14.79 -2.98
C ALA A 35 -2.16 16.05 -2.15
N ARG A 36 -2.70 15.96 -0.94
CA ARG A 36 -2.72 17.07 -0.02
C ARG A 36 -1.34 17.51 0.43
N ALA A 37 -0.32 16.72 0.14
CA ALA A 37 1.06 17.11 0.41
C ALA A 37 1.75 17.54 -0.88
N GLY A 38 0.96 17.74 -1.93
CA GLY A 38 1.46 18.26 -3.20
C GLY A 38 1.82 17.22 -4.25
N ALA A 39 1.45 15.97 -4.02
CA ALA A 39 1.78 14.91 -4.97
C ALA A 39 0.80 14.92 -6.13
N THR A 40 1.22 14.32 -7.23
CA THR A 40 0.32 14.00 -8.31
C THR A 40 -0.05 12.54 -8.13
N ILE A 41 -1.35 12.26 -8.10
CA ILE A 41 -1.88 10.92 -7.90
C ILE A 41 -2.08 10.15 -9.20
N VAL A 42 -1.55 8.94 -9.27
CA VAL A 42 -1.93 7.99 -10.30
C VAL A 42 -2.31 6.66 -9.63
N PHE A 43 -3.37 6.03 -10.13
CA PHE A 43 -3.83 4.77 -9.55
C PHE A 43 -4.41 3.88 -10.62
N ASN A 44 -4.75 2.65 -10.25
CA ASN A 44 -5.34 1.73 -11.19
C ASN A 44 -6.40 0.84 -10.57
N ASP A 45 -7.11 0.12 -11.44
CA ASP A 45 -7.99 -0.96 -11.04
C ASP A 45 -8.25 -1.86 -12.23
N ILE A 46 -8.77 -3.06 -11.96
CA ILE A 46 -9.00 -4.06 -13.00
C ILE A 46 -10.08 -3.66 -13.99
N LYS A 47 -11.09 -2.93 -13.54
CA LYS A 47 -12.22 -2.56 -14.39
C LYS A 47 -12.61 -1.08 -14.33
N GLN A 48 -13.13 -0.60 -15.46
CA GLN A 48 -13.33 0.81 -15.73
C GLN A 48 -14.26 1.50 -14.73
N GLU A 49 -15.40 0.88 -14.43
CA GLU A 49 -16.39 1.47 -13.52
C GLU A 49 -15.78 1.92 -12.18
N LEU A 50 -14.87 1.10 -11.67
CA LEU A 50 -14.22 1.38 -10.39
C LEU A 50 -13.30 2.59 -10.51
N VAL A 51 -12.47 2.58 -11.54
CA VAL A 51 -11.60 3.72 -11.88
C VAL A 51 -12.38 5.04 -11.88
N ASP A 52 -13.54 5.05 -12.54
CA ASP A 52 -14.39 6.23 -12.63
C ASP A 52 -14.89 6.64 -11.25
N LYS A 53 -15.44 5.67 -10.51
CA LYS A 53 -15.86 5.90 -9.13
C LYS A 53 -14.70 6.50 -8.36
N GLY A 54 -13.52 5.94 -8.60
CA GLY A 54 -12.28 6.49 -8.08
C GLY A 54 -12.12 7.99 -8.30
N ILE A 55 -12.02 8.38 -9.58
CA ILE A 55 -11.77 9.78 -9.95
C ILE A 55 -12.83 10.72 -9.36
N SER A 56 -14.08 10.29 -9.43
CA SER A 56 -15.19 11.05 -8.86
C SER A 56 -14.93 11.35 -7.39
N ALA A 57 -14.54 10.31 -6.67
CA ALA A 57 -14.31 10.38 -5.24
C ALA A 57 -13.16 11.34 -4.93
N TYR A 58 -12.10 11.28 -5.75
CA TYR A 58 -10.96 12.18 -5.58
C TYR A 58 -11.34 13.63 -5.87
N LYS A 59 -12.06 13.83 -6.98
CA LYS A 59 -12.52 15.15 -7.42
C LYS A 59 -13.33 15.86 -6.33
N LYS A 60 -14.27 15.14 -5.71
CA LYS A 60 -15.12 15.76 -4.68
C LYS A 60 -14.27 16.36 -3.56
N LEU A 61 -13.11 15.78 -3.32
CA LEU A 61 -12.17 16.30 -2.32
C LEU A 61 -11.27 17.40 -2.90
N GLY A 62 -11.39 17.63 -4.20
CA GLY A 62 -10.62 18.65 -4.89
C GLY A 62 -9.30 18.10 -5.36
N ILE A 63 -9.32 16.87 -5.87
CA ILE A 63 -8.10 16.21 -6.35
C ILE A 63 -8.29 15.70 -7.77
N LYS A 64 -7.37 16.09 -8.63
CA LYS A 64 -7.32 15.58 -9.98
C LYS A 64 -6.46 14.33 -9.97
N ALA A 65 -7.11 13.19 -10.11
CA ALA A 65 -6.42 11.91 -10.13
C ALA A 65 -6.35 11.37 -11.55
N HIS A 66 -5.24 10.70 -11.87
CA HIS A 66 -5.14 9.97 -13.13
C HIS A 66 -5.41 8.50 -12.86
N GLY A 67 -6.44 7.96 -13.49
CA GLY A 67 -6.86 6.59 -13.22
C GLY A 67 -6.75 5.72 -14.46
N TYR A 68 -6.07 4.57 -14.33
CA TYR A 68 -5.92 3.65 -15.46
C TYR A 68 -6.59 2.32 -15.20
N VAL A 69 -6.78 1.55 -16.25
CA VAL A 69 -7.36 0.23 -16.13
C VAL A 69 -6.25 -0.76 -16.42
N CYS A 70 -5.86 -1.51 -15.39
CA CYS A 70 -4.84 -2.54 -15.52
C CYS A 70 -4.97 -3.52 -14.38
N ASP A 71 -4.74 -4.80 -14.68
CA ASP A 71 -4.58 -5.79 -13.64
C ASP A 71 -3.14 -5.69 -13.16
N VAL A 72 -2.94 -5.51 -11.85
CA VAL A 72 -1.58 -5.53 -11.27
C VAL A 72 -0.79 -6.81 -11.61
N THR A 73 -1.51 -7.91 -11.80
CA THR A 73 -0.89 -9.20 -12.10
C THR A 73 -0.53 -9.38 -13.57
N ASP A 74 -1.16 -8.59 -14.44
CA ASP A 74 -0.88 -8.58 -15.87
C ASP A 74 0.53 -8.04 -16.15
N GLU A 75 1.43 -8.96 -16.55
CA GLU A 75 2.85 -8.67 -16.81
C GLU A 75 3.03 -7.54 -17.86
N ASP A 76 2.61 -7.82 -19.09
CA ASP A 76 2.76 -6.88 -20.21
C ASP A 76 1.90 -5.64 -20.00
N GLY A 77 0.70 -5.84 -19.45
CA GLY A 77 -0.22 -4.74 -19.15
C GLY A 77 0.35 -3.63 -18.28
N ILE A 78 0.99 -4.02 -17.18
CA ILE A 78 1.58 -3.04 -16.27
C ILE A 78 2.68 -2.20 -16.93
N ASN A 79 3.60 -2.84 -17.63
CA ASN A 79 4.65 -2.13 -18.35
C ASN A 79 4.09 -1.05 -19.30
N GLU A 80 3.10 -1.43 -20.11
CA GLU A 80 2.35 -0.50 -20.94
C GLU A 80 1.81 0.64 -20.09
N MET A 81 1.06 0.31 -19.05
CA MET A 81 0.50 1.33 -18.16
C MET A 81 1.60 2.24 -17.61
N VAL A 82 2.77 1.68 -17.32
CA VAL A 82 3.85 2.48 -16.72
C VAL A 82 4.44 3.50 -17.69
N ASP A 83 4.86 3.10 -18.89
CA ASP A 83 5.42 4.10 -19.79
C ASP A 83 4.33 5.03 -20.38
N LYS A 84 3.10 4.53 -20.47
CA LYS A 84 1.95 5.37 -20.79
C LYS A 84 1.75 6.47 -19.75
N ILE A 85 1.92 6.14 -18.47
CA ILE A 85 1.90 7.17 -17.42
C ILE A 85 3.09 8.11 -17.62
N SER A 86 4.23 7.53 -17.99
CA SER A 86 5.48 8.29 -18.05
C SER A 86 5.52 9.34 -19.15
N GLN A 87 4.58 9.28 -20.11
CA GLN A 87 4.38 10.38 -21.06
C GLN A 87 3.20 11.27 -20.64
N ASP A 88 2.01 10.70 -20.48
CA ASP A 88 0.81 11.48 -20.12
C ASP A 88 0.98 12.26 -18.82
N VAL A 89 1.75 11.71 -17.89
CA VAL A 89 1.88 12.29 -16.54
C VAL A 89 3.32 12.55 -16.16
N GLY A 90 4.25 11.75 -16.69
CA GLY A 90 5.65 11.92 -16.39
C GLY A 90 6.22 10.87 -15.45
N VAL A 91 7.47 11.07 -15.06
CA VAL A 91 8.24 10.03 -14.39
C VAL A 91 7.69 9.75 -12.98
N ILE A 92 7.42 8.47 -12.72
CA ILE A 92 6.91 8.03 -11.43
C ILE A 92 8.04 8.07 -10.43
N ASP A 93 7.86 8.90 -9.42
CA ASP A 93 8.84 9.11 -8.39
C ASP A 93 8.60 8.15 -7.25
N ILE A 94 7.32 7.89 -6.99
CA ILE A 94 6.88 7.10 -5.84
C ILE A 94 5.95 5.96 -6.28
N LEU A 95 6.28 4.75 -5.87
CA LEU A 95 5.40 3.60 -6.08
C LEU A 95 4.95 3.11 -4.74
N VAL A 96 3.64 3.05 -4.56
CA VAL A 96 3.06 2.46 -3.37
C VAL A 96 2.42 1.14 -3.78
N ASN A 97 3.10 0.05 -3.46
CA ASN A 97 2.53 -1.28 -3.61
C ASN A 97 1.51 -1.55 -2.49
N ASN A 98 0.25 -1.67 -2.91
CA ASN A 98 -0.90 -1.86 -2.03
C ASN A 98 -1.60 -3.13 -2.51
N ALA A 99 -0.84 -4.24 -2.51
CA ALA A 99 -1.25 -5.45 -3.22
C ALA A 99 -1.63 -6.58 -2.27
N GLY A 100 -2.63 -7.38 -2.67
CA GLY A 100 -3.08 -8.52 -1.88
C GLY A 100 -4.47 -9.03 -2.24
N ILE A 101 -5.20 -9.48 -1.22
CA ILE A 101 -6.58 -10.01 -1.31
C ILE A 101 -6.77 -10.99 -2.48
N ILE A 102 -6.16 -12.16 -2.30
CA ILE A 102 -6.15 -13.21 -3.32
C ILE A 102 -7.50 -13.92 -3.33
N LYS A 103 -7.89 -14.46 -4.48
CA LYS A 103 -9.16 -15.16 -4.59
C LYS A 103 -9.19 -16.23 -3.52
N ARG A 104 -10.06 -16.04 -2.53
CA ARG A 104 -10.09 -16.93 -1.38
C ARG A 104 -10.74 -18.28 -1.71
N THR A 105 -9.98 -19.14 -2.36
CA THR A 105 -10.39 -20.52 -2.58
C THR A 105 -9.56 -21.45 -1.69
N PRO A 106 -10.21 -22.16 -0.76
CA PRO A 106 -9.55 -23.16 0.08
C PRO A 106 -8.48 -23.95 -0.67
N MET A 107 -7.31 -24.01 -0.06
CA MET A 107 -6.12 -24.53 -0.69
C MET A 107 -6.29 -26.00 -1.17
N LEU A 108 -7.32 -26.69 -0.70
CA LEU A 108 -7.59 -28.07 -1.13
C LEU A 108 -8.62 -28.17 -2.25
N GLU A 109 -9.36 -27.09 -2.46
CA GLU A 109 -10.33 -27.01 -3.57
C GLU A 109 -9.67 -26.61 -4.90
N MET A 110 -8.56 -25.88 -4.81
CA MET A 110 -7.93 -25.32 -6.01
C MET A 110 -7.00 -26.28 -6.72
N SER A 111 -7.16 -26.35 -8.04
CA SER A 111 -6.38 -27.23 -8.90
C SER A 111 -4.92 -26.78 -9.07
N ALA A 112 -4.14 -27.64 -9.72
CA ALA A 112 -2.75 -27.31 -10.01
C ALA A 112 -2.69 -26.07 -10.88
N ALA A 113 -3.60 -25.96 -11.85
CA ALA A 113 -3.75 -24.76 -12.64
C ALA A 113 -3.87 -23.53 -11.74
N ASP A 114 -4.74 -23.61 -10.74
CA ASP A 114 -4.95 -22.48 -9.82
C ASP A 114 -3.69 -22.12 -9.02
N PHE A 115 -2.94 -23.13 -8.58
CA PHE A 115 -1.69 -22.89 -7.85
C PHE A 115 -0.66 -22.25 -8.77
N ARG A 116 -0.40 -22.91 -9.89
CA ARG A 116 0.51 -22.42 -10.93
C ARG A 116 0.30 -20.92 -11.16
N GLN A 117 -0.95 -20.50 -11.11
CA GLN A 117 -1.33 -19.10 -11.32
C GLN A 117 -0.85 -18.23 -10.17
N VAL A 118 -1.35 -18.50 -8.96
CA VAL A 118 -1.03 -17.69 -7.77
C VAL A 118 0.46 -17.66 -7.43
N ILE A 119 1.11 -18.82 -7.48
CA ILE A 119 2.56 -18.90 -7.23
C ILE A 119 3.36 -18.09 -8.26
N ASP A 120 3.07 -18.30 -9.55
CA ASP A 120 3.85 -17.63 -10.61
C ASP A 120 3.40 -16.22 -10.94
N ILE A 121 2.11 -15.92 -10.85
CA ILE A 121 1.62 -14.59 -11.21
C ILE A 121 1.19 -13.79 -9.99
N ASP A 122 0.12 -14.20 -9.31
CA ASP A 122 -0.53 -13.35 -8.29
C ASP A 122 0.42 -12.86 -7.21
N LEU A 123 1.34 -13.71 -6.80
CA LEU A 123 2.28 -13.39 -5.73
C LEU A 123 3.45 -12.54 -6.22
N ASN A 124 3.71 -12.56 -7.51
CA ASN A 124 4.79 -11.74 -8.05
C ASN A 124 4.37 -10.34 -8.46
N ALA A 125 3.08 -10.06 -8.38
CA ALA A 125 2.52 -8.76 -8.79
C ALA A 125 3.37 -7.55 -8.33
N PRO A 126 3.54 -7.35 -7.00
CA PRO A 126 4.24 -6.15 -6.53
C PRO A 126 5.69 -6.04 -7.02
N PHE A 127 6.28 -7.18 -7.34
CA PHE A 127 7.62 -7.24 -7.91
C PHE A 127 7.58 -6.77 -9.35
N ILE A 128 6.55 -7.19 -10.08
CA ILE A 128 6.35 -6.80 -11.49
C ILE A 128 6.22 -5.27 -11.60
N VAL A 129 5.35 -4.70 -10.77
CA VAL A 129 5.08 -3.27 -10.72
C VAL A 129 6.30 -2.47 -10.28
N SER A 130 7.08 -3.05 -9.36
CA SER A 130 8.32 -2.41 -8.91
C SER A 130 9.31 -2.40 -10.05
N LYS A 131 9.50 -3.57 -10.66
CA LYS A 131 10.43 -3.75 -11.75
C LYS A 131 10.10 -2.80 -12.89
N ALA A 132 8.82 -2.52 -13.04
CA ALA A 132 8.36 -1.69 -14.12
C ALA A 132 8.69 -0.24 -13.89
N VAL A 133 8.91 0.17 -12.65
CA VAL A 133 9.08 1.57 -12.37
C VAL A 133 10.47 1.94 -11.90
N LEU A 134 11.38 0.98 -11.90
CA LEU A 134 12.67 1.22 -11.34
C LEU A 134 13.51 1.90 -12.35
N PRO A 135 13.41 1.46 -13.63
CA PRO A 135 14.34 2.11 -14.53
C PRO A 135 14.18 3.61 -14.56
N GLY A 136 12.96 4.10 -14.40
CA GLY A 136 12.75 5.53 -14.42
C GLY A 136 13.35 6.20 -13.21
N MET A 137 12.97 5.71 -12.06
CA MET A 137 13.41 6.29 -10.82
C MET A 137 14.92 6.39 -10.78
N ILE A 138 15.59 5.39 -11.32
CA ILE A 138 17.03 5.37 -11.33
C ILE A 138 17.54 6.48 -12.20
N GLN A 139 17.01 6.57 -13.40
CA GLN A 139 17.38 7.64 -14.33
C GLN A 139 17.35 8.98 -13.65
N LYS A 140 16.22 9.29 -13.02
CA LYS A 140 15.99 10.58 -12.39
C LYS A 140 16.85 10.75 -11.12
N GLY A 141 17.36 9.65 -10.59
CA GLY A 141 18.29 9.69 -9.48
C GLY A 141 17.65 9.64 -8.10
N HIS A 142 16.35 9.39 -8.02
CA HIS A 142 15.71 9.24 -6.71
C HIS A 142 14.38 8.50 -6.83
N GLY A 143 14.25 7.38 -6.11
CA GLY A 143 13.00 6.62 -6.06
C GLY A 143 12.49 6.41 -4.64
N LYS A 144 11.18 6.24 -4.51
CA LYS A 144 10.58 5.70 -3.30
C LYS A 144 9.58 4.60 -3.66
N ILE A 145 9.89 3.36 -3.28
CA ILE A 145 8.96 2.25 -3.40
C ILE A 145 8.51 1.84 -2.01
N ILE A 146 7.21 1.94 -1.76
CA ILE A 146 6.64 1.68 -0.43
C ILE A 146 5.69 0.50 -0.52
N ASN A 147 5.98 -0.57 0.22
CA ASN A 147 5.16 -1.77 0.24
C ASN A 147 4.28 -1.83 1.48
N ILE A 148 2.96 -1.93 1.28
CA ILE A 148 2.02 -1.87 2.38
C ILE A 148 1.61 -3.30 2.69
N CYS A 149 2.13 -3.82 3.79
CA CYS A 149 1.76 -5.13 4.28
C CYS A 149 0.26 -5.14 4.48
N ALA A 150 -0.37 -6.32 4.39
CA ALA A 150 -1.80 -6.44 4.65
C ALA A 150 -2.10 -6.07 6.09
N MET A 151 -3.21 -5.38 6.32
CA MET A 151 -3.45 -4.92 7.66
C MET A 151 -3.89 -6.08 8.52
N MET A 152 -3.65 -5.94 9.82
CA MET A 152 -4.05 -6.96 10.77
C MET A 152 -5.57 -7.06 10.83
N SER A 153 -6.26 -6.03 10.33
CA SER A 153 -7.73 -6.02 10.20
C SER A 153 -8.26 -6.93 9.11
N GLU A 154 -7.42 -7.34 8.18
CA GLU A 154 -7.91 -8.01 6.99
C GLU A 154 -8.36 -9.42 7.33
N LEU A 155 -9.67 -9.63 7.35
CA LEU A 155 -10.25 -10.95 7.66
C LEU A 155 -10.12 -11.93 6.50
N GLY A 156 -10.20 -13.22 6.81
CA GLY A 156 -10.23 -14.28 5.79
C GLY A 156 -8.89 -14.67 5.14
N ARG A 157 -7.83 -13.92 5.41
CA ARG A 157 -6.49 -14.32 5.02
C ARG A 157 -6.13 -15.73 5.53
N GLU A 158 -5.79 -16.66 4.64
CA GLU A 158 -5.32 -18.01 5.07
C GLU A 158 -3.80 -18.05 5.22
N THR A 159 -3.30 -18.42 6.40
CA THR A 159 -1.85 -18.39 6.66
C THR A 159 -1.09 -19.41 5.80
N VAL A 160 -0.12 -18.94 5.00
CA VAL A 160 0.69 -19.79 4.12
C VAL A 160 2.16 -19.39 4.21
N ALA A 161 2.79 -19.77 5.31
CA ALA A 161 4.16 -19.39 5.63
C ALA A 161 5.09 -19.38 4.43
N ALA A 162 4.96 -20.39 3.58
CA ALA A 162 5.82 -20.53 2.41
C ALA A 162 5.74 -19.36 1.44
N TYR A 163 4.57 -18.74 1.34
CA TYR A 163 4.38 -17.62 0.40
C TYR A 163 5.23 -16.39 0.73
N ALA A 164 5.74 -16.29 1.96
CA ALA A 164 6.70 -15.24 2.30
C ALA A 164 8.02 -15.36 1.52
N ALA A 165 8.27 -16.55 0.96
CA ALA A 165 9.50 -16.81 0.20
C ALA A 165 9.40 -16.50 -1.30
N ALA A 166 8.25 -15.98 -1.76
CA ALA A 166 8.15 -15.55 -3.16
C ALA A 166 9.00 -14.29 -3.35
N LYS A 167 9.40 -14.00 -4.60
CA LYS A 167 10.22 -12.81 -4.88
C LYS A 167 9.34 -11.57 -4.84
N GLY A 168 8.08 -11.73 -5.25
CA GLY A 168 7.05 -10.79 -4.83
C GLY A 168 6.86 -11.08 -3.35
N GLY A 169 5.88 -10.49 -2.70
CA GLY A 169 5.74 -10.72 -1.28
C GLY A 169 6.57 -9.69 -0.57
N LEU A 170 5.89 -8.92 0.27
CA LEU A 170 6.32 -7.57 0.58
C LEU A 170 7.56 -7.49 1.46
N LYS A 171 7.61 -8.29 2.51
CA LYS A 171 8.76 -8.30 3.42
C LYS A 171 10.04 -8.75 2.71
N MET A 172 9.94 -9.75 1.86
CA MET A 172 11.08 -10.17 1.04
C MET A 172 11.48 -9.06 0.09
N LEU A 173 10.52 -8.62 -0.71
CA LEU A 173 10.74 -7.63 -1.76
C LEU A 173 11.34 -6.34 -1.22
N THR A 174 10.80 -5.87 -0.10
CA THR A 174 11.32 -4.67 0.54
C THR A 174 12.82 -4.79 0.73
N LYS A 175 13.26 -5.90 1.32
CA LYS A 175 14.66 -6.09 1.67
C LYS A 175 15.57 -6.24 0.47
N ASN A 176 15.10 -6.88 -0.59
CA ASN A 176 15.95 -7.12 -1.77
C ASN A 176 16.12 -5.87 -2.61
N ILE A 177 15.02 -5.16 -2.84
CA ILE A 177 15.07 -3.90 -3.56
C ILE A 177 15.93 -2.87 -2.80
N ALA A 178 15.71 -2.73 -1.51
CA ALA A 178 16.58 -1.89 -0.70
C ALA A 178 18.06 -2.25 -0.87
N SER A 179 18.38 -3.54 -0.85
CA SER A 179 19.77 -4.00 -0.97
C SER A 179 20.35 -3.78 -2.36
N GLU A 180 19.65 -4.27 -3.38
CA GLU A 180 20.14 -4.16 -4.74
C GLU A 180 20.15 -2.71 -5.26
N TYR A 181 19.13 -1.93 -4.94
CA TYR A 181 18.94 -0.62 -5.59
C TYR A 181 19.08 0.62 -4.67
N GLY A 182 19.43 0.41 -3.41
CA GLY A 182 19.68 1.51 -2.49
C GLY A 182 20.81 2.43 -2.96
N SER A 183 21.82 1.84 -3.60
CA SER A 183 22.98 2.60 -4.08
C SER A 183 22.70 3.43 -5.33
N ALA A 184 21.57 3.19 -5.99
CA ALA A 184 21.07 4.13 -7.01
C ALA A 184 20.06 5.09 -6.39
N ASN A 185 20.17 5.30 -5.07
CA ASN A 185 19.31 6.24 -4.33
C ASN A 185 17.82 5.91 -4.39
N ILE A 186 17.48 4.63 -4.35
CA ILE A 186 16.10 4.19 -4.18
C ILE A 186 15.94 3.77 -2.73
N GLN A 187 14.88 4.22 -2.07
CA GLN A 187 14.57 3.78 -0.72
C GLN A 187 13.33 2.92 -0.79
N CYS A 188 13.46 1.66 -0.42
CA CYS A 188 12.31 0.76 -0.37
C CYS A 188 12.02 0.39 1.06
N ASN A 189 10.79 0.61 1.48
CA ASN A 189 10.36 0.38 2.86
C ASN A 189 8.93 -0.09 2.87
N GLY A 190 8.43 -0.43 4.06
CA GLY A 190 7.08 -0.93 4.18
C GLY A 190 6.28 -0.23 5.25
N ILE A 191 4.95 -0.29 5.10
CA ILE A 191 4.04 0.04 6.18
C ILE A 191 3.39 -1.25 6.64
N GLY A 192 3.36 -1.43 7.95
CA GLY A 192 2.69 -2.55 8.59
C GLY A 192 1.50 -2.01 9.37
N PRO A 193 0.34 -1.92 8.71
CA PRO A 193 -0.83 -1.40 9.39
C PRO A 193 -1.37 -2.36 10.46
N GLY A 194 -1.83 -1.83 11.57
CA GLY A 194 -2.39 -2.62 12.65
C GLY A 194 -3.85 -3.00 12.42
N TYR A 195 -4.66 -2.84 13.47
CA TYR A 195 -6.07 -3.14 13.40
C TYR A 195 -6.82 -1.89 12.95
N ILE A 196 -6.86 -1.70 11.64
CA ILE A 196 -7.47 -0.52 11.03
C ILE A 196 -8.97 -0.74 10.82
N ALA A 197 -9.78 0.08 11.49
CA ALA A 197 -11.23 0.05 11.32
C ALA A 197 -11.61 0.24 9.85
N THR A 198 -12.39 -0.69 9.32
CA THR A 198 -13.02 -0.57 8.02
C THR A 198 -14.47 -0.97 8.17
N PRO A 199 -15.34 -0.45 7.28
CA PRO A 199 -16.71 -0.95 7.21
C PRO A 199 -16.85 -2.46 7.19
N GLN A 200 -15.89 -3.19 6.61
CA GLN A 200 -15.90 -4.67 6.63
C GLN A 200 -15.95 -5.28 8.04
N THR A 201 -15.13 -4.74 8.92
CA THR A 201 -15.02 -5.24 10.27
C THR A 201 -15.86 -4.41 11.23
N ALA A 202 -16.85 -3.70 10.70
CA ALA A 202 -17.73 -2.87 11.52
C ALA A 202 -18.65 -3.69 12.43
N PRO A 203 -19.06 -4.89 11.99
CA PRO A 203 -19.75 -5.84 12.87
C PRO A 203 -18.96 -6.14 14.16
N LEU A 204 -17.65 -6.31 14.03
CA LEU A 204 -16.79 -6.61 15.18
C LEU A 204 -16.66 -5.45 16.16
N ARG A 205 -17.34 -4.34 15.85
CA ARG A 205 -17.41 -3.18 16.73
C ARG A 205 -18.82 -2.92 17.25
N GLU A 206 -19.82 -3.62 16.69
CA GLU A 206 -21.23 -3.46 17.06
C GLU A 206 -21.46 -3.59 18.56
N ARG A 207 -22.11 -2.58 19.15
CA ARG A 207 -22.42 -2.62 20.57
C ARG A 207 -23.46 -3.69 20.85
N GLN A 208 -23.34 -4.33 22.02
CA GLN A 208 -24.23 -5.43 22.40
C GLN A 208 -25.58 -4.92 22.87
N ASP A 209 -26.56 -5.81 22.95
CA ASP A 209 -27.91 -5.46 23.40
C ASP A 209 -27.98 -4.80 24.76
N ASP A 210 -26.99 -5.03 25.61
CA ASP A 210 -26.90 -4.34 26.91
C ASP A 210 -26.06 -3.06 26.86
N GLY A 211 -25.54 -2.74 25.68
CA GLY A 211 -24.72 -1.53 25.51
C GLY A 211 -23.26 -1.71 25.91
N SER A 212 -22.85 -2.95 26.13
CA SER A 212 -21.45 -3.25 26.34
C SER A 212 -20.77 -3.49 25.00
N ARG A 213 -19.44 -3.43 25.05
CA ARG A 213 -18.57 -3.48 23.90
C ARG A 213 -18.55 -4.90 23.30
N HIS A 214 -18.57 -5.03 21.97
CA HIS A 214 -18.41 -6.35 21.33
C HIS A 214 -17.13 -7.04 21.86
N PRO A 215 -17.21 -8.36 22.15
CA PRO A 215 -16.08 -9.03 22.77
C PRO A 215 -14.74 -8.82 22.04
N PHE A 216 -14.71 -9.09 20.74
CA PHE A 216 -13.55 -8.82 19.89
C PHE A 216 -13.11 -7.36 19.90
N ASP A 217 -14.06 -6.44 19.76
CA ASP A 217 -13.75 -5.02 19.89
C ASP A 217 -13.03 -4.76 21.21
N GLN A 218 -13.51 -5.38 22.28
CA GLN A 218 -12.92 -5.22 23.62
C GLN A 218 -11.52 -5.83 23.74
N PHE A 219 -11.31 -6.93 23.04
CA PHE A 219 -9.99 -7.55 23.01
C PHE A 219 -8.98 -6.58 22.40
N ILE A 220 -9.31 -6.09 21.20
CA ILE A 220 -8.44 -5.17 20.45
C ILE A 220 -8.06 -3.93 21.28
N ILE A 221 -9.01 -3.41 22.03
CA ILE A 221 -8.78 -2.21 22.85
C ILE A 221 -7.86 -2.47 24.04
N ALA A 222 -8.02 -3.65 24.65
CA ALA A 222 -7.18 -4.06 25.78
C ALA A 222 -5.76 -4.32 25.32
N LYS A 223 -5.63 -5.08 24.23
CA LYS A 223 -4.33 -5.51 23.74
C LYS A 223 -3.58 -4.43 22.93
N THR A 224 -4.30 -3.43 22.43
CA THR A 224 -3.62 -2.30 21.83
C THR A 224 -3.36 -1.27 22.91
N PRO A 225 -2.07 -0.94 23.15
CA PRO A 225 -1.78 0.09 24.14
C PRO A 225 -2.46 1.42 23.79
N ALA A 226 -2.53 1.73 22.50
CA ALA A 226 -3.25 2.93 22.05
C ALA A 226 -4.72 2.94 22.49
N ALA A 227 -5.25 1.75 22.79
CA ALA A 227 -6.58 1.55 23.37
C ALA A 227 -7.70 1.87 22.38
N ARG A 228 -7.39 1.85 21.09
CA ARG A 228 -8.40 2.10 20.07
C ARG A 228 -7.98 1.47 18.75
N TRP A 229 -8.94 1.26 17.86
CA TRP A 229 -8.66 0.73 16.54
C TRP A 229 -7.90 1.75 15.72
N GLY A 230 -7.20 1.27 14.70
CA GLY A 230 -6.60 2.16 13.71
C GLY A 230 -7.67 2.75 12.80
N GLU A 231 -7.42 3.95 12.29
CA GLU A 231 -8.24 4.51 11.22
C GLU A 231 -7.37 4.67 9.99
N ALA A 232 -7.97 4.54 8.80
CA ALA A 232 -7.18 4.65 7.57
C ALA A 232 -6.28 5.90 7.57
N GLU A 233 -6.81 7.02 8.04
CA GLU A 233 -6.09 8.31 8.11
C GLU A 233 -4.72 8.20 8.82
N ASP A 234 -4.63 7.27 9.80
CA ASP A 234 -3.40 7.05 10.55
C ASP A 234 -2.19 6.64 9.69
N LEU A 235 -2.46 6.12 8.49
CA LEU A 235 -1.39 5.67 7.59
C LEU A 235 -0.93 6.78 6.64
N GLY A 236 -1.70 7.86 6.59
CA GLY A 236 -1.45 8.94 5.66
C GLY A 236 -0.07 9.57 5.81
N ALA A 237 0.18 10.19 6.95
CA ALA A 237 1.43 10.93 7.14
C ALA A 237 2.65 10.03 7.10
N PRO A 238 2.61 8.89 7.81
CA PRO A 238 3.66 7.91 7.82
C PRO A 238 4.08 7.53 6.44
N ALA A 239 3.13 7.54 5.53
CA ALA A 239 3.42 7.12 4.19
C ALA A 239 4.06 8.24 3.43
N ILE A 240 3.76 9.48 3.77
CA ILE A 240 4.40 10.60 3.11
C ILE A 240 5.85 10.59 3.52
N PHE A 241 6.05 10.57 4.84
CA PHE A 241 7.35 10.45 5.44
C PHE A 241 8.20 9.46 4.70
N LEU A 242 7.59 8.36 4.30
CA LEU A 242 8.33 7.35 3.61
C LEU A 242 8.53 7.72 2.18
N ALA A 243 7.80 8.71 1.71
CA ALA A 243 7.87 9.07 0.33
C ALA A 243 8.63 10.37 0.15
N SER A 244 9.06 10.95 1.25
CA SER A 244 9.67 12.26 1.21
C SER A 244 11.13 12.23 1.53
N ASP A 245 11.80 13.32 1.23
CA ASP A 245 13.23 13.48 1.51
C ASP A 245 13.56 13.17 2.96
N ALA A 246 12.57 13.26 3.84
CA ALA A 246 12.79 13.03 5.28
C ALA A 246 13.28 11.60 5.62
N SER A 247 12.92 10.63 4.78
CA SER A 247 13.30 9.25 4.99
C SER A 247 14.39 8.76 4.01
N ASN A 248 15.21 9.68 3.50
CA ASN A 248 16.17 9.33 2.44
C ASN A 248 17.27 8.38 2.89
N PHE A 249 17.61 8.45 4.18
CA PHE A 249 18.57 7.48 4.75
C PHE A 249 17.87 6.38 5.56
N ILE A 250 16.67 6.01 5.14
CA ILE A 250 15.95 4.87 5.69
C ILE A 250 15.66 3.90 4.55
N ASN A 251 16.10 2.66 4.72
CA ASN A 251 15.98 1.67 3.65
C ASN A 251 15.80 0.22 4.16
N GLY A 252 14.85 -0.48 3.57
CA GLY A 252 14.58 -1.86 3.93
C GLY A 252 13.89 -2.01 5.28
N HIS A 253 13.18 -0.99 5.70
CA HIS A 253 12.59 -0.96 7.04
C HIS A 253 11.06 -1.08 7.00
N ILE A 254 10.52 -1.87 7.91
CA ILE A 254 9.08 -2.01 8.01
C ILE A 254 8.58 -1.12 9.15
N LEU A 255 7.81 -0.10 8.79
CA LEU A 255 7.26 0.81 9.76
C LEU A 255 5.91 0.27 10.16
N TYR A 256 5.72 0.03 11.45
CA TYR A 256 4.46 -0.52 11.94
C TYR A 256 3.62 0.59 12.53
N VAL A 257 2.46 0.77 11.91
CA VAL A 257 1.45 1.74 12.36
C VAL A 257 0.35 0.91 13.02
N ASP A 258 0.55 0.56 14.28
CA ASP A 258 -0.28 -0.43 14.98
C ASP A 258 -0.77 -0.04 16.38
N GLY A 259 -0.59 1.22 16.76
CA GLY A 259 -0.94 1.63 18.11
C GLY A 259 -0.20 0.83 19.15
N GLY A 260 0.95 0.28 18.76
CA GLY A 260 1.82 -0.48 19.66
C GLY A 260 1.38 -1.87 20.07
N ILE A 261 0.61 -2.55 19.24
CA ILE A 261 0.14 -3.89 19.56
C ILE A 261 1.27 -4.91 19.44
N LEU A 262 2.11 -4.82 18.41
CA LEU A 262 3.27 -5.71 18.30
C LEU A 262 4.21 -5.55 19.48
N ALA A 263 4.30 -4.33 20.01
CA ALA A 263 5.13 -4.06 21.17
C ALA A 263 4.51 -4.60 22.45
N TYR A 264 3.18 -4.68 22.52
CA TYR A 264 2.54 -5.33 23.65
C TYR A 264 2.78 -6.83 23.60
N ILE A 265 2.80 -7.37 22.39
CA ILE A 265 3.19 -8.75 22.18
C ILE A 265 4.68 -8.99 22.56
N GLY A 266 5.46 -7.92 22.74
CA GLY A 266 6.78 -7.97 23.41
C GLY A 266 6.78 -7.58 24.89
N LYS A 267 5.59 -7.54 25.51
CA LYS A 267 5.36 -7.18 26.94
C LYS A 267 5.92 -5.81 27.35
#